data_4D55
#
_entry.id   4D55
#
_cell.length_a   45.011
_cell.length_b   44.495
_cell.length_c   66.989
_cell.angle_alpha   90.00
_cell.angle_beta   95.00
_cell.angle_gamma   90.00
#
_symmetry.space_group_name_H-M   'P 1 21 1'
#
loop_
_entity.id
_entity.type
_entity.pdbx_description
1 polymer 'FOCAL ADHESION KINASE'
2 non-polymer 'SULFATE ION'
3 water water
#
_entity_poly.entity_id   1
_entity_poly.type   'polypeptide(L)'
_entity_poly.pdbx_seq_one_letter_code
;STRDYEIQRERIELGRCIGEGQFGDVHQGIYMSPENPAMAVAIKTCKNCTSDSVREKFLQEALTMRQFDHPHIVKLIGVI
TENPVWIIMELCTLGELRSFLQVRKFSLDLASLILYAYQLSTALAYLESKRFVHRDIAARNVLVSATDCVKLGDFGLSRY
MEDSTYYKASKGKLPIKWMAPESINFRRFTSASDVWMFGVCMWEILMHGVKPFQGVKNNDVIGRIENGERLPMPPNCPPT
LYSLMTKCWAYDPSRRPRFTELKAQLSTILEEEKLQ
;
_entity_poly.pdbx_strand_id   A
#
loop_
_chem_comp.id
_chem_comp.type
_chem_comp.name
_chem_comp.formula
SO4 non-polymer 'SULFATE ION' 'O4 S -2'
#
# COMPACT_ATOMS: atom_id res chain seq x y z
N ARG A 3 11.27 24.03 -5.53
CA ARG A 3 11.06 22.99 -4.46
C ARG A 3 12.28 22.06 -4.35
N ASP A 4 13.19 22.39 -3.43
CA ASP A 4 14.39 21.63 -3.19
C ASP A 4 14.10 20.56 -2.12
N TYR A 5 14.32 19.29 -2.46
CA TYR A 5 14.09 18.19 -1.51
C TYR A 5 15.30 17.86 -0.61
N GLU A 6 16.47 18.43 -0.88
CA GLU A 6 17.66 18.19 -0.04
C GLU A 6 17.48 18.78 1.35
N ILE A 7 17.68 17.94 2.36
CA ILE A 7 17.49 18.30 3.78
C ILE A 7 18.84 18.32 4.53
N GLN A 8 18.99 19.28 5.45
CA GLN A 8 20.15 19.30 6.32
C GLN A 8 20.02 18.23 7.38
N ARG A 9 21.09 17.45 7.53
CA ARG A 9 21.09 16.31 8.45
C ARG A 9 20.81 16.74 9.89
N GLU A 10 21.29 17.93 10.25
CA GLU A 10 21.09 18.50 11.60
C GLU A 10 19.64 18.83 11.92
N ARG A 11 18.78 18.83 10.91
CA ARG A 11 17.35 18.95 11.12
C ARG A 11 16.72 17.63 11.50
N ILE A 12 17.41 16.54 11.15
CA ILE A 12 16.91 15.21 11.41
C ILE A 12 17.46 14.67 12.71
N GLU A 13 16.57 14.20 13.56
CA GLU A 13 16.93 13.40 14.73
C GLU A 13 16.46 11.95 14.52
N LEU A 14 17.41 11.02 14.53
CA LEU A 14 17.11 9.61 14.33
C LEU A 14 16.51 9.03 15.60
N GLY A 15 15.41 8.31 15.45
CA GLY A 15 14.80 7.55 16.55
C GLY A 15 15.14 6.08 16.40
N ARG A 16 14.42 5.22 17.11
CA ARG A 16 14.62 3.78 16.99
C ARG A 16 14.31 3.25 15.57
N CYS A 17 14.86 2.07 15.28
CA CYS A 17 14.49 1.31 14.10
C CYS A 17 13.03 0.92 14.20
N ILE A 18 12.32 1.03 13.07
CA ILE A 18 10.88 0.77 12.99
C ILE A 18 10.59 -0.44 12.09
N GLY A 19 11.43 -0.65 11.08
CA GLY A 19 11.22 -1.72 10.13
C GLY A 19 12.44 -1.89 9.24
N GLU A 20 12.24 -2.58 8.12
CA GLU A 20 13.32 -2.91 7.19
C GLU A 20 12.82 -2.83 5.77
N GLY A 21 13.70 -2.45 4.86
CA GLY A 21 13.39 -2.43 3.44
C GLY A 21 14.44 -3.25 2.72
N GLN A 22 14.33 -3.29 1.38
CA GLN A 22 15.37 -3.88 0.54
C GLN A 22 16.76 -3.38 0.96
N PHE A 23 16.90 -2.07 1.16
CA PHE A 23 18.20 -1.39 1.24
C PHE A 23 18.70 -1.11 2.65
N GLY A 24 17.87 -1.37 3.64
CA GLY A 24 18.29 -1.12 5.02
C GLY A 24 17.16 -0.83 5.97
N ASP A 25 17.55 -0.38 7.16
CA ASP A 25 16.64 -0.21 8.28
C ASP A 25 15.82 1.05 8.05
N VAL A 26 14.58 1.03 8.49
CA VAL A 26 13.74 2.23 8.46
C VAL A 26 13.61 2.71 9.91
N HIS A 27 13.89 3.99 10.13
CA HIS A 27 13.78 4.54 11.46
C HIS A 27 12.59 5.48 11.53
N GLN A 28 12.07 5.67 12.74
CA GLN A 28 11.25 6.85 13.01
C GLN A 28 12.22 7.93 13.45
N GLY A 29 11.74 9.16 13.47
CA GLY A 29 12.57 10.28 13.86
C GLY A 29 11.80 11.60 13.81
N ILE A 30 12.56 12.68 13.87
CA ILE A 30 12.01 14.02 13.93
C ILE A 30 12.72 14.85 12.89
N TYR A 31 11.94 15.69 12.22
CA TYR A 31 12.47 16.68 11.29
C TYR A 31 12.19 18.03 11.94
N MET A 32 13.24 18.78 12.25
CA MET A 32 13.13 20.00 13.02
C MET A 32 13.29 21.22 12.14
N SER A 33 12.50 22.26 12.42
CA SER A 33 12.56 23.51 11.71
C SER A 33 12.49 24.69 12.69
N PRO A 34 13.23 25.77 12.43
CA PRO A 34 13.13 27.02 13.22
C PRO A 34 11.68 27.54 13.31
N GLU A 35 11.29 27.98 14.52
CA GLU A 35 9.94 28.47 14.81
C GLU A 35 8.85 27.36 14.80
N ASN A 36 9.00 26.38 13.91
CA ASN A 36 8.00 25.31 13.71
C ASN A 36 7.95 24.24 14.82
N PRO A 37 6.83 23.48 14.86
CA PRO A 37 6.80 22.32 15.74
C PRO A 37 7.57 21.14 15.12
N ALA A 38 8.12 20.29 15.98
CA ALA A 38 8.88 19.13 15.53
C ALA A 38 7.98 18.15 14.77
N MET A 39 8.38 17.82 13.54
CA MET A 39 7.59 16.96 12.66
C MET A 39 8.11 15.53 12.69
N ALA A 40 7.25 14.58 13.05
CA ALA A 40 7.60 13.18 13.05
C ALA A 40 7.77 12.67 11.62
N VAL A 41 8.73 11.78 11.41
CA VAL A 41 9.09 11.32 10.08
C VAL A 41 9.61 9.91 10.12
N ALA A 42 9.51 9.22 8.98
CA ALA A 42 10.15 7.94 8.73
C ALA A 42 11.42 8.16 7.93
N ILE A 43 12.47 7.42 8.27
CA ILE A 43 13.78 7.58 7.65
C ILE A 43 14.24 6.26 7.05
N LYS A 44 14.30 6.22 5.72
CA LYS A 44 14.83 5.05 5.03
C LYS A 44 16.33 5.22 4.93
N THR A 45 17.02 4.14 5.31
CA THR A 45 18.48 4.03 5.36
C THR A 45 18.95 3.10 4.23
N CYS A 46 20.18 3.33 3.76
CA CYS A 46 20.74 2.54 2.69
C CYS A 46 22.03 1.85 3.12
N LYS A 47 22.00 0.54 3.23
CA LYS A 47 23.17 -0.22 3.68
C LYS A 47 24.44 0.12 2.89
N ASN A 48 24.38 0.14 1.56
CA ASN A 48 25.59 0.36 0.75
C ASN A 48 25.50 1.55 -0.19
N CYS A 49 25.17 2.72 0.37
CA CYS A 49 24.97 3.93 -0.42
C CYS A 49 26.27 4.54 -0.98
N THR A 50 27.42 4.06 -0.52
CA THR A 50 28.69 4.38 -1.18
C THR A 50 28.68 3.91 -2.65
N SER A 51 28.01 2.78 -2.92
CA SER A 51 27.85 2.29 -4.28
C SER A 51 26.87 3.14 -5.09
N ASP A 52 27.25 3.45 -6.32
CA ASP A 52 26.38 4.18 -7.23
C ASP A 52 25.21 3.31 -7.66
N SER A 53 25.47 2.02 -7.84
CA SER A 53 24.45 1.07 -8.22
C SER A 53 23.37 0.98 -7.15
N VAL A 54 23.80 0.76 -5.91
CA VAL A 54 22.88 0.56 -4.81
C VAL A 54 22.12 1.85 -4.49
N ARG A 55 22.82 2.98 -4.50
CA ARG A 55 22.19 4.32 -4.35
C ARG A 55 21.05 4.59 -5.31
N GLU A 56 21.22 4.21 -6.58
CA GLU A 56 20.26 4.55 -7.63
C GLU A 56 18.93 3.90 -7.39
N LYS A 57 18.91 2.58 -7.22
CA LYS A 57 17.64 1.90 -6.96
C LYS A 57 17.01 2.40 -5.67
N PHE A 58 17.82 2.73 -4.66
CA PHE A 58 17.33 3.25 -3.39
C PHE A 58 16.63 4.61 -3.57
N LEU A 59 17.34 5.57 -4.16
CA LEU A 59 16.77 6.90 -4.40
C LEU A 59 15.68 6.93 -5.48
N GLN A 60 15.49 5.81 -6.19
CA GLN A 60 14.45 5.72 -7.21
C GLN A 60 13.06 5.75 -6.59
N GLU A 61 12.89 5.14 -5.43
CA GLU A 61 11.62 5.22 -4.73
C GLU A 61 11.27 6.68 -4.41
N ALA A 62 12.27 7.49 -4.07
CA ALA A 62 12.04 8.89 -3.71
C ALA A 62 11.64 9.67 -4.95
N LEU A 63 12.40 9.47 -6.01
CA LEU A 63 12.04 9.96 -7.34
C LEU A 63 10.61 9.64 -7.72
N THR A 64 10.17 8.43 -7.41
CA THR A 64 8.80 8.02 -7.73
C THR A 64 7.78 8.69 -6.85
N MET A 65 8.10 8.85 -5.57
CA MET A 65 7.18 9.50 -4.65
C MET A 65 7.05 10.96 -4.97
N ARG A 66 8.15 11.54 -5.44
CA ARG A 66 8.21 12.95 -5.82
C ARG A 66 7.06 13.36 -6.74
N GLN A 67 6.63 12.45 -7.62
CA GLN A 67 5.60 12.77 -8.63
C GLN A 67 4.18 12.78 -8.06
N PHE A 68 3.95 12.15 -6.91
CA PHE A 68 2.58 11.98 -6.40
C PHE A 68 2.24 12.92 -5.28
N ASP A 69 0.97 13.32 -5.23
CA ASP A 69 0.49 14.18 -4.17
C ASP A 69 -0.96 13.86 -3.90
N HIS A 70 -1.21 13.08 -2.86
CA HIS A 70 -2.54 12.57 -2.61
C HIS A 70 -2.76 12.31 -1.13
N PRO A 71 -3.93 12.66 -0.59
CA PRO A 71 -4.10 12.45 0.86
C PRO A 71 -4.00 11.01 1.38
N HIS A 72 -4.10 10.01 0.52
CA HIS A 72 -3.98 8.60 0.94
C HIS A 72 -2.78 7.87 0.34
N ILE A 73 -1.75 8.64 -0.01
CA ILE A 73 -0.46 8.10 -0.47
C ILE A 73 0.60 8.79 0.39
N VAL A 74 1.51 7.99 0.96
CA VAL A 74 2.55 8.49 1.85
C VAL A 74 3.38 9.52 1.11
N LYS A 75 3.73 10.59 1.79
CA LYS A 75 4.35 11.73 1.13
C LYS A 75 5.86 11.73 1.30
N LEU A 76 6.59 12.03 0.23
CA LEU A 76 8.02 12.36 0.32
C LEU A 76 8.21 13.70 1.01
N ILE A 77 8.90 13.70 2.15
CA ILE A 77 9.28 14.98 2.79
C ILE A 77 10.57 15.49 2.17
N GLY A 78 11.57 14.62 2.05
CA GLY A 78 12.83 15.03 1.47
C GLY A 78 13.89 13.95 1.43
N VAL A 79 15.12 14.38 1.19
CA VAL A 79 16.21 13.48 0.87
C VAL A 79 17.50 14.09 1.39
N ILE A 80 18.41 13.22 1.83
CA ILE A 80 19.76 13.58 2.18
C ILE A 80 20.70 12.72 1.35
N THR A 81 21.40 13.34 0.42
CA THR A 81 22.34 12.63 -0.48
C THR A 81 23.80 12.52 0.01
N GLU A 82 24.20 13.35 0.97
CA GLU A 82 25.44 13.16 1.75
C GLU A 82 25.43 11.72 2.27
N ASN A 83 26.60 11.11 2.42
CA ASN A 83 26.72 9.68 2.17
C ASN A 83 26.04 8.67 3.10
N PRO A 84 25.87 8.98 4.40
CA PRO A 84 24.76 8.17 4.93
C PRO A 84 23.47 8.65 4.24
N VAL A 85 23.12 8.03 3.11
CA VAL A 85 22.02 8.53 2.30
C VAL A 85 20.71 8.11 2.93
N TRP A 86 19.80 9.09 3.08
CA TRP A 86 18.53 8.89 3.74
C TRP A 86 17.36 9.45 2.93
N ILE A 87 16.26 8.73 2.94
CA ILE A 87 15.02 9.22 2.35
C ILE A 87 14.12 9.54 3.50
N ILE A 88 13.59 10.76 3.49
CA ILE A 88 12.71 11.21 4.55
C ILE A 88 11.30 11.19 4.06
N MET A 89 10.47 10.41 4.75
CA MET A 89 9.07 10.23 4.40
CA MET A 89 9.07 10.22 4.41
C MET A 89 8.20 10.65 5.58
N GLU A 90 6.94 10.94 5.27
CA GLU A 90 5.94 11.26 6.26
C GLU A 90 5.73 10.00 7.08
N LEU A 91 5.51 10.15 8.37
CA LEU A 91 5.39 9.01 9.28
C LEU A 91 3.93 8.69 9.46
N CYS A 92 3.61 7.41 9.38
CA CYS A 92 2.27 6.95 9.67
C CYS A 92 2.38 6.25 11.02
N THR A 93 2.12 7.01 12.10
CA THR A 93 2.47 6.62 13.47
C THR A 93 1.85 5.35 13.96
N LEU A 94 0.70 4.96 13.45
CA LEU A 94 0.09 3.70 13.90
C LEU A 94 0.61 2.44 13.16
N GLY A 95 1.49 2.60 12.17
CA GLY A 95 2.18 1.44 11.60
C GLY A 95 1.41 0.66 10.54
N GLU A 96 1.83 -0.57 10.32
CA GLU A 96 1.30 -1.40 9.23
C GLU A 96 -0.15 -1.79 9.45
N LEU A 97 -0.92 -1.84 8.37
CA LEU A 97 -2.33 -2.12 8.52
C LEU A 97 -2.62 -3.51 9.11
N ARG A 98 -1.83 -4.51 8.72
CA ARG A 98 -2.13 -5.89 9.11
C ARG A 98 -2.05 -6.06 10.59
N SER A 99 -0.97 -5.57 11.18
CA SER A 99 -0.81 -5.56 12.63
C SER A 99 -1.93 -4.80 13.28
N PHE A 100 -2.23 -3.63 12.77
CA PHE A 100 -3.29 -2.79 13.35
C PHE A 100 -4.59 -3.58 13.43
N LEU A 101 -4.96 -4.22 12.31
CA LEU A 101 -6.23 -4.95 12.23
C LEU A 101 -6.28 -6.18 13.12
N GLN A 102 -5.14 -6.86 13.26
CA GLN A 102 -5.04 -8.05 14.10
C GLN A 102 -5.21 -7.71 15.57
N VAL A 103 -4.55 -6.63 15.98
CA VAL A 103 -4.53 -6.15 17.35
C VAL A 103 -5.82 -5.40 17.73
N ARG A 104 -6.27 -4.50 16.86
CA ARG A 104 -7.43 -3.65 17.17
C ARG A 104 -8.75 -4.26 16.71
N LYS A 105 -8.77 -5.56 16.46
CA LYS A 105 -9.97 -6.26 16.01
C LYS A 105 -11.26 -5.90 16.75
N PHE A 106 -11.30 -6.13 18.06
CA PHE A 106 -12.50 -5.89 18.88
C PHE A 106 -12.75 -4.41 19.21
N SER A 107 -11.97 -3.53 18.60
CA SER A 107 -12.14 -2.12 18.76
C SER A 107 -12.56 -1.45 17.44
N LEU A 108 -12.66 -2.22 16.37
CA LEU A 108 -12.98 -1.66 15.06
C LEU A 108 -14.35 -2.15 14.67
N ASP A 109 -15.03 -1.38 13.82
CA ASP A 109 -16.32 -1.80 13.32
C ASP A 109 -16.27 -1.97 11.81
N LEU A 110 -17.27 -2.63 11.25
CA LEU A 110 -17.29 -2.92 9.81
C LEU A 110 -17.12 -1.64 8.97
N ALA A 111 -17.74 -0.55 9.43
CA ALA A 111 -17.64 0.77 8.79
C ALA A 111 -16.21 1.29 8.71
N SER A 112 -15.39 1.06 9.74
CA SER A 112 -13.97 1.47 9.66
C SER A 112 -13.21 0.67 8.58
N LEU A 113 -13.55 -0.59 8.43
CA LEU A 113 -12.87 -1.46 7.45
C LEU A 113 -13.18 -1.06 6.00
N ILE A 114 -14.42 -0.68 5.74
CA ILE A 114 -14.84 -0.25 4.41
C ILE A 114 -14.21 1.11 4.09
N LEU A 115 -14.14 1.99 5.10
CA LEU A 115 -13.45 3.27 4.95
C LEU A 115 -12.02 3.09 4.48
N TYR A 116 -11.27 2.19 5.12
CA TYR A 116 -9.90 1.95 4.67
C TYR A 116 -9.90 1.52 3.20
N ALA A 117 -10.83 0.64 2.82
CA ALA A 117 -10.89 0.15 1.46
C ALA A 117 -11.20 1.32 0.53
N TYR A 118 -12.17 2.16 0.92
CA TYR A 118 -12.49 3.36 0.14
C TYR A 118 -11.30 4.31 -0.03
N GLN A 119 -10.66 4.65 1.09
CA GLN A 119 -9.49 5.53 1.06
C GLN A 119 -8.42 4.98 0.11
N LEU A 120 -8.12 3.70 0.24
CA LEU A 120 -7.16 3.10 -0.67
C LEU A 120 -7.61 3.16 -2.14
N SER A 121 -8.91 3.00 -2.41
CA SER A 121 -9.40 3.05 -3.79
C SER A 121 -9.25 4.43 -4.40
N THR A 122 -9.35 5.40 -3.53
CA THR A 122 -9.13 6.80 -3.80
C THR A 122 -7.68 7.05 -4.27
N ALA A 123 -6.72 6.50 -3.52
CA ALA A 123 -5.30 6.56 -3.89
C ALA A 123 -5.05 5.81 -5.21
N LEU A 124 -5.69 4.66 -5.36
CA LEU A 124 -5.48 3.85 -6.56
C LEU A 124 -6.10 4.44 -7.85
N ALA A 125 -7.29 5.02 -7.76
CA ALA A 125 -7.82 5.85 -8.87
C ALA A 125 -6.84 6.93 -9.29
N TYR A 126 -6.29 7.64 -8.30
CA TYR A 126 -5.37 8.73 -8.59
C TYR A 126 -4.15 8.22 -9.38
N LEU A 127 -3.56 7.12 -8.93
CA LEU A 127 -2.43 6.49 -9.64
C LEU A 127 -2.85 6.01 -11.03
N GLU A 128 -4.06 5.43 -11.12
CA GLU A 128 -4.63 4.98 -12.39
C GLU A 128 -4.70 6.12 -13.40
N SER A 129 -5.06 7.33 -12.93
CA SER A 129 -5.14 8.50 -13.82
C SER A 129 -3.75 8.92 -14.29
N LYS A 130 -2.71 8.62 -13.52
CA LYS A 130 -1.32 8.91 -13.95
C LYS A 130 -0.70 7.70 -14.68
N ARG A 131 -1.50 6.66 -14.93
CA ARG A 131 -1.01 5.44 -15.61
C ARG A 131 0.14 4.81 -14.86
N PHE A 132 0.08 4.89 -13.54
CA PHE A 132 1.05 4.24 -12.68
C PHE A 132 0.43 2.96 -12.13
N VAL A 133 1.22 1.90 -12.21
CA VAL A 133 0.87 0.56 -11.75
C VAL A 133 1.74 0.31 -10.51
N HIS A 134 1.10 -0.05 -9.40
CA HIS A 134 1.79 -0.26 -8.15
C HIS A 134 2.48 -1.65 -8.09
N ARG A 135 1.74 -2.69 -8.47
CA ARG A 135 2.24 -4.08 -8.56
C ARG A 135 2.43 -4.78 -7.20
N ASP A 136 2.08 -4.13 -6.10
CA ASP A 136 2.28 -4.75 -4.79
C ASP A 136 1.25 -4.27 -3.80
N ILE A 137 0.00 -4.29 -4.26
CA ILE A 137 -1.14 -3.86 -3.45
C ILE A 137 -1.46 -4.99 -2.50
N ALA A 138 -1.34 -4.72 -1.20
CA ALA A 138 -1.52 -5.73 -0.16
C ALA A 138 -1.58 -5.04 1.19
N ALA A 139 -2.21 -5.69 2.18
CA ALA A 139 -2.38 -5.07 3.49
C ALA A 139 -1.09 -4.63 4.16
N ARG A 140 -0.03 -5.47 4.03
CA ARG A 140 1.28 -5.19 4.59
C ARG A 140 1.91 -3.88 4.08
N ASN A 141 1.50 -3.46 2.90
CA ASN A 141 2.06 -2.27 2.25
C ASN A 141 1.17 -1.06 2.46
N VAL A 142 0.07 -1.26 3.14
CA VAL A 142 -0.75 -0.14 3.58
C VAL A 142 -0.38 0.27 5.00
N LEU A 143 -0.37 1.58 5.25
CA LEU A 143 0.06 2.14 6.55
C LEU A 143 -1.06 2.93 7.20
N VAL A 144 -1.07 2.95 8.52
CA VAL A 144 -2.13 3.57 9.28
C VAL A 144 -1.62 4.89 9.86
N SER A 145 -2.10 5.98 9.27
CA SER A 145 -1.79 7.35 9.71
C SER A 145 -2.63 7.79 10.92
N ALA A 146 -3.88 7.34 10.94
CA ALA A 146 -4.77 7.55 12.08
C ALA A 146 -5.81 6.46 12.04
N THR A 147 -6.60 6.36 13.09
CA THR A 147 -7.61 5.32 13.12
C THR A 147 -8.64 5.50 12.03
N ASP A 148 -8.78 6.72 11.50
CA ASP A 148 -9.67 6.97 10.39
C ASP A 148 -8.94 7.37 9.10
N CYS A 149 -7.73 6.83 8.89
CA CYS A 149 -6.91 7.26 7.76
C CYS A 149 -5.75 6.29 7.46
N VAL A 150 -5.86 5.54 6.35
CA VAL A 150 -4.76 4.72 5.89
C VAL A 150 -4.14 5.35 4.65
N LYS A 151 -2.90 4.94 4.36
CA LYS A 151 -2.17 5.48 3.24
C LYS A 151 -1.36 4.36 2.64
N LEU A 152 -1.26 4.41 1.31
CA LEU A 152 -0.50 3.46 0.56
C LEU A 152 0.97 3.84 0.54
N GLY A 153 1.84 2.89 0.81
CA GLY A 153 3.27 3.12 0.72
C GLY A 153 3.94 2.05 -0.12
N ASP A 154 5.25 1.94 0.08
CA ASP A 154 6.09 0.91 -0.54
C ASP A 154 5.89 0.81 -2.05
N PHE A 155 6.53 1.73 -2.76
CA PHE A 155 6.57 1.67 -4.21
C PHE A 155 7.95 1.23 -4.64
N GLY A 156 8.49 0.19 -4.01
CA GLY A 156 9.69 -0.47 -4.49
C GLY A 156 9.44 -1.02 -5.89
N LEU A 157 8.25 -1.58 -6.12
CA LEU A 157 7.79 -2.05 -7.44
C LEU A 157 6.94 -0.94 -8.10
N SER A 158 7.13 -0.73 -9.40
CA SER A 158 6.62 0.50 -10.06
C SER A 158 6.19 0.31 -11.52
N ARG A 159 5.52 1.34 -12.05
CA ARG A 159 5.14 1.39 -13.46
C ARG A 159 5.78 2.60 -14.12
N TYR A 160 5.01 3.68 -14.28
CA TYR A 160 5.31 4.71 -15.28
C TYR A 160 5.25 4.16 -16.71
N LEU A 174 8.20 -12.72 -5.13
CA LEU A 174 7.03 -12.18 -5.85
C LEU A 174 5.72 -12.51 -5.15
N PRO A 175 4.79 -11.55 -5.08
CA PRO A 175 3.60 -11.78 -4.26
C PRO A 175 2.54 -12.62 -4.99
N ILE A 176 2.88 -13.87 -5.28
CA ILE A 176 2.02 -14.77 -6.05
C ILE A 176 0.56 -14.77 -5.59
N LYS A 177 0.37 -14.93 -4.29
CA LYS A 177 -0.98 -15.05 -3.73
C LYS A 177 -1.84 -13.80 -3.94
N TRP A 178 -1.25 -12.68 -4.34
CA TRP A 178 -2.01 -11.41 -4.57
C TRP A 178 -2.14 -11.13 -6.07
N MET A 179 -1.40 -11.86 -6.87
CA MET A 179 -1.26 -11.52 -8.29
C MET A 179 -2.40 -11.97 -9.21
N ALA A 180 -2.62 -11.18 -10.26
CA ALA A 180 -3.58 -11.54 -11.28
C ALA A 180 -3.01 -12.65 -12.14
N PRO A 181 -3.88 -13.52 -12.67
CA PRO A 181 -3.41 -14.65 -13.49
C PRO A 181 -2.48 -14.27 -14.64
N GLU A 182 -2.81 -13.19 -15.36
CA GLU A 182 -1.98 -12.72 -16.48
C GLU A 182 -0.63 -12.11 -16.02
N SER A 183 -0.52 -11.75 -14.72
CA SER A 183 0.75 -11.30 -14.15
C SER A 183 1.63 -12.53 -13.81
N ILE A 184 0.99 -13.56 -13.24
CA ILE A 184 1.64 -14.83 -12.95
C ILE A 184 1.99 -15.55 -14.27
N ASN A 185 1.04 -15.66 -15.19
CA ASN A 185 1.28 -16.40 -16.43
C ASN A 185 2.16 -15.67 -17.44
N PHE A 186 1.96 -14.36 -17.61
CA PHE A 186 2.61 -13.65 -18.72
C PHE A 186 3.35 -12.39 -18.31
N ARG A 187 3.58 -12.20 -17.01
CA ARG A 187 4.21 -10.97 -16.48
C ARG A 187 3.56 -9.68 -17.01
N ARG A 188 2.25 -9.72 -17.24
CA ARG A 188 1.48 -8.52 -17.59
C ARG A 188 1.05 -7.77 -16.33
N PHE A 189 1.53 -6.55 -16.17
CA PHE A 189 1.18 -5.69 -15.05
C PHE A 189 0.49 -4.41 -15.54
N THR A 190 -0.76 -4.23 -15.13
CA THR A 190 -1.60 -3.10 -15.56
C THR A 190 -2.48 -2.66 -14.42
N SER A 191 -3.22 -1.57 -14.65
CA SER A 191 -4.20 -1.10 -13.69
C SER A 191 -5.17 -2.20 -13.32
N ALA A 192 -5.52 -2.99 -14.34
CA ALA A 192 -6.45 -4.11 -14.15
C ALA A 192 -5.87 -5.17 -13.25
N SER A 193 -4.57 -5.45 -13.37
CA SER A 193 -3.95 -6.43 -12.50
C SER A 193 -3.84 -5.79 -11.08
N ASP A 194 -3.60 -4.49 -11.00
CA ASP A 194 -3.71 -3.79 -9.70
C ASP A 194 -5.10 -3.99 -9.08
N VAL A 195 -6.13 -3.98 -9.92
CA VAL A 195 -7.49 -4.14 -9.45
C VAL A 195 -7.68 -5.49 -8.79
N TRP A 196 -7.22 -6.55 -9.46
CA TRP A 196 -7.17 -7.88 -8.83
C TRP A 196 -6.52 -7.83 -7.42
N MET A 197 -5.34 -7.24 -7.32
CA MET A 197 -4.60 -7.16 -6.06
C MET A 197 -5.41 -6.39 -4.98
N PHE A 198 -5.96 -5.24 -5.38
CA PHE A 198 -6.84 -4.47 -4.49
C PHE A 198 -7.95 -5.33 -3.95
N GLY A 199 -8.60 -6.11 -4.82
CA GLY A 199 -9.59 -7.07 -4.37
C GLY A 199 -9.10 -8.06 -3.31
N VAL A 200 -7.90 -8.60 -3.49
CA VAL A 200 -7.27 -9.43 -2.46
C VAL A 200 -7.00 -8.61 -1.18
N CYS A 201 -6.49 -7.39 -1.33
CA CYS A 201 -6.28 -6.45 -0.18
C CYS A 201 -7.59 -6.20 0.60
N MET A 202 -8.70 -5.96 -0.11
CA MET A 202 -9.98 -5.75 0.55
CA MET A 202 -10.00 -5.77 0.54
C MET A 202 -10.39 -6.99 1.35
N TRP A 203 -10.15 -8.18 0.78
CA TRP A 203 -10.42 -9.41 1.54
C TRP A 203 -9.60 -9.45 2.82
N GLU A 204 -8.31 -9.14 2.71
CA GLU A 204 -7.42 -9.06 3.85
C GLU A 204 -7.96 -8.10 4.94
N ILE A 205 -8.39 -6.92 4.54
CA ILE A 205 -8.97 -5.92 5.48
C ILE A 205 -10.16 -6.49 6.23
N LEU A 206 -11.12 -6.99 5.48
CA LEU A 206 -12.30 -7.62 6.05
C LEU A 206 -12.05 -8.86 6.86
N MET A 207 -10.96 -9.58 6.59
CA MET A 207 -10.56 -10.73 7.40
C MET A 207 -9.70 -10.30 8.60
N HIS A 208 -9.54 -9.00 8.82
CA HIS A 208 -8.70 -8.47 9.91
C HIS A 208 -7.25 -8.94 9.85
N GLY A 209 -6.72 -8.91 8.64
CA GLY A 209 -5.32 -9.17 8.38
C GLY A 209 -4.91 -10.62 8.35
N VAL A 210 -5.83 -11.52 8.02
CA VAL A 210 -5.50 -12.89 7.64
C VAL A 210 -4.96 -12.85 6.20
N LYS A 211 -3.96 -13.68 5.93
CA LYS A 211 -3.39 -13.77 4.60
C LYS A 211 -4.26 -14.60 3.68
N PRO A 212 -4.30 -14.27 2.38
CA PRO A 212 -5.00 -15.14 1.41
C PRO A 212 -4.31 -16.49 1.20
N PHE A 213 -5.10 -17.55 0.97
CA PHE A 213 -4.55 -18.86 0.60
C PHE A 213 -3.53 -19.40 1.61
N GLN A 214 -3.80 -19.26 2.89
CA GLN A 214 -2.94 -19.88 3.88
C GLN A 214 -2.88 -21.40 3.69
N GLY A 215 -1.71 -21.96 3.95
CA GLY A 215 -1.49 -23.39 3.79
C GLY A 215 -1.53 -23.89 2.37
N VAL A 216 -1.35 -22.98 1.41
CA VAL A 216 -1.39 -23.31 0.01
C VAL A 216 -0.07 -22.85 -0.58
N LYS A 217 0.54 -23.68 -1.42
CA LYS A 217 1.85 -23.36 -1.98
C LYS A 217 1.71 -22.39 -3.12
N ASN A 218 2.68 -21.50 -3.24
CA ASN A 218 2.67 -20.49 -4.28
C ASN A 218 2.38 -21.06 -5.68
N ASN A 219 3.05 -22.18 -6.02
CA ASN A 219 2.88 -22.84 -7.32
C ASN A 219 1.52 -23.48 -7.55
N ASP A 220 0.75 -23.70 -6.49
CA ASP A 220 -0.59 -24.25 -6.65
C ASP A 220 -1.64 -23.13 -6.78
N VAL A 221 -1.22 -21.89 -6.58
CA VAL A 221 -2.17 -20.78 -6.58
C VAL A 221 -2.79 -20.62 -7.95
N ILE A 222 -1.95 -20.58 -8.98
CA ILE A 222 -2.45 -20.43 -10.35
C ILE A 222 -3.44 -21.56 -10.71
N GLY A 223 -3.07 -22.82 -10.47
CA GLY A 223 -3.97 -23.95 -10.68
C GLY A 223 -5.36 -23.74 -10.11
N ARG A 224 -5.44 -23.28 -8.87
CA ARG A 224 -6.71 -23.03 -8.18
C ARG A 224 -7.52 -21.92 -8.81
N ILE A 225 -6.82 -20.85 -9.21
CA ILE A 225 -7.41 -19.68 -9.86
C ILE A 225 -7.94 -20.08 -11.22
N GLU A 226 -7.18 -20.90 -11.95
CA GLU A 226 -7.59 -21.37 -13.28
C GLU A 226 -8.80 -22.28 -13.14
N ASN A 227 -8.93 -22.98 -12.02
CA ASN A 227 -10.11 -23.82 -11.77
C ASN A 227 -11.32 -23.01 -11.27
N GLY A 228 -11.23 -21.69 -11.35
CA GLY A 228 -12.32 -20.80 -10.92
C GLY A 228 -12.44 -20.52 -9.43
N GLU A 229 -11.55 -21.08 -8.61
CA GLU A 229 -11.62 -20.85 -7.16
C GLU A 229 -11.32 -19.40 -6.80
N ARG A 230 -12.00 -18.92 -5.77
CA ARG A 230 -11.81 -17.55 -5.26
C ARG A 230 -11.89 -17.54 -3.75
N LEU A 231 -11.21 -16.56 -3.14
CA LEU A 231 -11.23 -16.39 -1.69
C LEU A 231 -12.70 -16.28 -1.30
N PRO A 232 -13.12 -16.93 -0.20
CA PRO A 232 -14.53 -16.98 0.19
C PRO A 232 -14.96 -15.66 0.82
N MET A 233 -16.26 -15.48 1.02
CA MET A 233 -16.84 -14.26 1.57
C MET A 233 -16.53 -14.13 3.07
N PRO A 234 -15.77 -13.10 3.49
CA PRO A 234 -15.47 -12.94 4.92
C PRO A 234 -16.72 -12.87 5.80
N PRO A 235 -16.65 -13.39 7.04
CA PRO A 235 -17.80 -13.21 7.95
C PRO A 235 -18.15 -11.74 8.05
N ASN A 236 -19.43 -11.42 8.06
CA ASN A 236 -19.86 -10.03 8.17
C ASN A 236 -19.64 -9.12 6.97
N CYS A 237 -19.06 -9.63 5.89
CA CYS A 237 -18.89 -8.80 4.71
C CYS A 237 -20.25 -8.69 4.04
N PRO A 238 -20.67 -7.47 3.70
CA PRO A 238 -21.94 -7.28 3.01
C PRO A 238 -21.92 -7.86 1.58
N PRO A 239 -23.03 -8.46 1.14
CA PRO A 239 -23.02 -9.13 -0.17
C PRO A 239 -22.59 -8.22 -1.34
N THR A 240 -23.05 -6.97 -1.33
CA THR A 240 -22.64 -6.01 -2.35
C THR A 240 -21.13 -5.85 -2.43
N LEU A 241 -20.47 -5.86 -1.27
CA LEU A 241 -19.03 -5.68 -1.23
C LEU A 241 -18.30 -6.91 -1.78
N TYR A 242 -18.72 -8.08 -1.34
CA TYR A 242 -18.15 -9.32 -1.84
C TYR A 242 -18.38 -9.40 -3.34
N SER A 243 -19.52 -8.89 -3.78
CA SER A 243 -19.83 -8.87 -5.20
C SER A 243 -18.80 -8.01 -5.96
N LEU A 244 -18.43 -6.88 -5.37
CA LEU A 244 -17.42 -6.01 -5.93
C LEU A 244 -16.06 -6.73 -6.00
N MET A 245 -15.75 -7.48 -4.95
CA MET A 245 -14.47 -8.18 -4.87
C MET A 245 -14.38 -9.24 -5.96
N THR A 246 -15.45 -10.03 -6.14
CA THR A 246 -15.44 -11.06 -7.18
C THR A 246 -15.31 -10.43 -8.57
N LYS A 247 -15.86 -9.24 -8.76
CA LYS A 247 -15.68 -8.55 -10.04
C LYS A 247 -14.22 -8.20 -10.27
N CYS A 248 -13.52 -7.84 -9.17
CA CYS A 248 -12.08 -7.57 -9.20
C CYS A 248 -11.28 -8.82 -9.58
N TRP A 249 -11.86 -9.99 -9.34
CA TRP A 249 -11.20 -11.26 -9.63
C TRP A 249 -11.75 -11.95 -10.90
N ALA A 250 -12.25 -11.17 -11.87
CA ALA A 250 -12.59 -11.70 -13.19
C ALA A 250 -11.30 -12.13 -13.86
N TYR A 251 -11.31 -13.30 -14.48
CA TYR A 251 -10.11 -13.85 -15.10
C TYR A 251 -9.70 -12.95 -16.26
N ASP A 252 -10.71 -12.59 -17.03
CA ASP A 252 -10.53 -11.70 -18.16
C ASP A 252 -10.35 -10.31 -17.56
N PRO A 253 -9.14 -9.72 -17.70
CA PRO A 253 -8.91 -8.40 -17.10
C PRO A 253 -9.85 -7.33 -17.61
N SER A 254 -10.45 -7.56 -18.78
CA SER A 254 -11.35 -6.59 -19.41
C SER A 254 -12.73 -6.53 -18.76
N ARG A 255 -13.08 -7.55 -17.99
CA ARG A 255 -14.32 -7.51 -17.22
C ARG A 255 -14.13 -6.97 -15.77
N ARG A 256 -12.93 -6.52 -15.41
CA ARG A 256 -12.73 -5.93 -14.06
C ARG A 256 -13.21 -4.47 -14.02
N PRO A 257 -13.82 -4.06 -12.90
CA PRO A 257 -14.08 -2.64 -12.78
C PRO A 257 -12.78 -1.86 -12.67
N ARG A 258 -12.78 -0.62 -13.10
CA ARG A 258 -11.62 0.25 -12.93
C ARG A 258 -11.69 0.92 -11.56
N PHE A 259 -10.58 1.52 -11.14
CA PHE A 259 -10.50 2.08 -9.79
C PHE A 259 -11.50 3.23 -9.63
N THR A 260 -11.83 3.89 -10.73
CA THR A 260 -12.87 4.92 -10.74
C THR A 260 -14.22 4.34 -10.35
N GLU A 261 -14.58 3.23 -10.99
CA GLU A 261 -15.80 2.50 -10.66
C GLU A 261 -15.79 2.03 -9.19
N LEU A 262 -14.71 1.39 -8.77
CA LEU A 262 -14.55 0.89 -7.40
C LEU A 262 -14.71 1.98 -6.34
N LYS A 263 -14.04 3.10 -6.57
CA LYS A 263 -14.16 4.24 -5.67
C LYS A 263 -15.63 4.68 -5.51
N ALA A 264 -16.35 4.79 -6.61
CA ALA A 264 -17.76 5.20 -6.55
C ALA A 264 -18.62 4.13 -5.87
N GLN A 265 -18.28 2.87 -6.05
CA GLN A 265 -19.07 1.81 -5.44
C GLN A 265 -18.79 1.72 -3.95
N LEU A 266 -17.53 1.89 -3.59
CA LEU A 266 -17.11 1.84 -2.19
C LEU A 266 -17.71 3.01 -1.41
N SER A 267 -17.78 4.18 -2.04
CA SER A 267 -18.44 5.35 -1.41
C SER A 267 -19.85 4.99 -0.97
N THR A 268 -20.62 4.45 -1.91
CA THR A 268 -22.01 4.05 -1.66
C THR A 268 -22.13 2.99 -0.57
N ILE A 269 -21.30 1.95 -0.67
CA ILE A 269 -21.31 0.84 0.29
C ILE A 269 -20.96 1.34 1.70
N LEU A 270 -19.98 2.23 1.79
CA LEU A 270 -19.60 2.83 3.05
C LEU A 270 -20.74 3.63 3.66
N GLU A 271 -21.40 4.47 2.84
CA GLU A 271 -22.56 5.26 3.30
C GLU A 271 -23.69 4.36 3.75
N GLU A 272 -23.94 3.30 2.98
CA GLU A 272 -24.94 2.29 3.32
C GLU A 272 -24.66 1.67 4.69
N GLU A 273 -23.39 1.35 4.94
CA GLU A 273 -23.01 0.74 6.21
C GLU A 273 -23.02 1.72 7.39
N LYS A 274 -22.64 2.97 7.17
CA LYS A 274 -22.78 4.00 8.22
C LYS A 274 -24.25 4.22 8.59
N LEU A 275 -25.16 3.97 7.63
CA LEU A 275 -26.61 4.08 7.84
C LEU A 275 -27.31 2.72 7.83
S SO4 B . 1.59 -12.84 11.11
O1 SO4 B . 3.01 -13.25 11.17
O2 SO4 B . 0.91 -13.51 9.98
O3 SO4 B . 1.57 -11.37 10.97
O4 SO4 B . 0.90 -13.23 12.36
#